data_1EST
#
_entry.id   1EST
#
_cell.length_a   51.500
_cell.length_b   58.000
_cell.length_c   75.500
_cell.angle_alpha   90.00
_cell.angle_beta   90.00
_cell.angle_gamma   90.00
#
_symmetry.space_group_name_H-M   'P 21 21 21'
#
loop_
_entity.id
_entity.type
_entity.pdbx_description
1 polymer 'PORCINE PANCREATIC ELASTASE'
2 non-polymer 'SULFATE ION'
3 non-polymer 'PARA-TOLUENE SULFONATE'
4 water water
#
_entity_poly.entity_id   1
_entity_poly.type   'polypeptide(L)'
_entity_poly.pdbx_seq_one_letter_code
;VVGGTEAQRNSWPSQISLQYRSGSSWAHTCGGTLIRQNWVMTAAHCVDRELTFRVVVGEHNLNQNNGTEQYVGVQKIVVH
PYWNTDDVAAGYDIALLRLAQSVTLNSYVQLGVLPRAGTILANNSPCYITGWGLTRTNGQLAQTLQQAYLPTVDYAICSS
SSYWGSTVKNSMVCAGGDGVRSGCQGDSGGPLHCLVNGQYAVHGVTSFVSRLGCNVTRKPTVFTRVSAYISWINNVIASN
;
_entity_poly.pdbx_strand_id   A
#
# COMPACT_ATOMS: atom_id res chain seq x y z
N VAL A 1 -10.78 2.51 -0.13
CA VAL A 1 -11.06 2.04 1.25
C VAL A 1 -12.54 2.00 1.60
N VAL A 2 -13.05 0.78 1.69
CA VAL A 2 -14.46 0.56 2.04
C VAL A 2 -14.68 0.57 3.55
N GLY A 3 -15.60 1.42 3.96
CA GLY A 3 -16.01 1.53 5.37
C GLY A 3 -15.04 2.37 6.19
N GLY A 4 -14.34 3.24 5.47
CA GLY A 4 -13.33 4.12 6.08
C GLY A 4 -13.82 5.54 6.34
N THR A 5 -12.99 6.26 7.07
CA THR A 5 -13.21 7.67 7.44
C THR A 5 -12.17 8.57 6.79
N GLU A 6 -12.42 9.85 6.81
CA GLU A 6 -11.47 10.82 6.26
C GLU A 6 -10.34 11.11 7.24
N ALA A 7 -9.13 10.92 6.74
CA ALA A 7 -7.90 11.17 7.50
C ALA A 7 -7.56 12.65 7.63
N GLN A 8 -6.71 12.93 8.60
CA GLN A 8 -6.20 14.29 8.82
C GLN A 8 -4.88 14.48 8.07
N ARG A 9 -4.86 15.56 7.31
CA ARG A 9 -3.75 15.99 6.45
C ARG A 9 -2.36 15.52 6.86
N ASN A 10 -2.08 15.67 8.13
CA ASN A 10 -0.76 15.38 8.69
C ASN A 10 -0.62 13.99 9.28
N SER A 11 -1.76 13.32 9.37
CA SER A 11 -1.81 11.97 9.96
C SER A 11 -0.86 10.96 9.35
N TRP A 12 -0.98 10.74 8.05
CA TRP A 12 -0.20 9.68 7.38
C TRP A 12 0.71 10.17 6.25
N PRO A 13 1.87 10.70 6.59
CA PRO A 13 2.59 11.63 5.69
C PRO A 13 3.63 10.92 4.82
N SER A 14 3.51 9.61 4.77
CA SER A 14 4.39 8.78 3.94
C SER A 14 3.63 8.22 2.75
N GLN A 15 2.32 8.37 2.87
CA GLN A 15 1.34 7.97 1.85
C GLN A 15 1.51 8.76 0.55
N ILE A 16 1.79 8.03 -0.53
CA ILE A 16 1.89 8.66 -1.85
C ILE A 16 0.80 8.20 -2.82
N SER A 17 0.58 9.03 -3.84
CA SER A 17 -0.34 8.72 -4.93
C SER A 17 0.40 8.42 -6.24
N LEU A 18 0.33 7.16 -6.62
CA LEU A 18 0.92 6.68 -7.88
C LEU A 18 -0.05 6.85 -9.04
N GLN A 19 0.24 7.89 -9.80
CA GLN A 19 -0.58 8.30 -10.95
C GLN A 19 0.07 8.00 -12.30
N TYR A 20 -0.76 7.61 -13.25
CA TYR A 20 -0.33 7.39 -14.65
C TYR A 20 -0.95 8.39 -15.62
N ARG A 21 -0.15 8.80 -16.58
CA ARG A 21 -0.61 9.82 -17.54
C ARG A 21 -1.62 9.30 -18.55
N SER A 22 -2.86 9.46 -18.15
CA SER A 22 -4.01 9.06 -18.97
C SER A 22 -4.36 10.11 -20.03
N GLY A 23 -3.44 10.19 -20.97
CA GLY A 23 -3.56 11.03 -22.18
C GLY A 23 -3.31 12.51 -21.93
N SER A 24 -4.36 13.16 -21.47
CA SER A 24 -4.37 14.61 -21.24
C SER A 24 -3.96 14.96 -19.81
N SER A 25 -4.46 14.13 -18.91
CA SER A 25 -4.24 14.34 -17.48
C SER A 25 -3.66 13.12 -16.79
N TRP A 26 -3.55 13.23 -15.47
CA TRP A 26 -3.00 12.17 -14.62
C TRP A 26 -4.08 11.51 -13.79
N ALA A 27 -4.01 10.18 -13.74
CA ALA A 27 -4.99 9.35 -13.02
C ALA A 27 -4.38 8.51 -11.91
N HIS A 28 -5.05 8.52 -10.77
CA HIS A 28 -4.66 7.72 -9.60
C HIS A 28 -4.90 6.24 -9.83
N THR A 29 -3.81 5.49 -9.84
CA THR A 29 -3.93 4.04 -9.98
C THR A 29 -3.66 3.25 -8.71
N CYS A 30 -2.70 3.73 -7.93
CA CYS A 30 -2.27 3.04 -6.71
C CYS A 30 -1.80 3.96 -5.60
N GLY A 31 -1.55 3.31 -4.48
CA GLY A 31 -0.92 3.92 -3.31
C GLY A 31 0.56 3.60 -3.26
N GLY A 32 1.23 4.10 -2.24
CA GLY A 32 2.67 3.87 -2.06
C GLY A 32 3.20 4.45 -0.74
N THR A 33 4.46 4.13 -0.46
CA THR A 33 5.14 4.58 0.76
C THR A 33 6.54 5.13 0.53
N LEU A 34 6.65 6.43 0.73
CA LEU A 34 7.93 7.15 0.63
C LEU A 34 8.89 6.65 1.70
N ILE A 35 9.87 5.86 1.28
CA ILE A 35 10.84 5.29 2.23
C ILE A 35 12.17 6.06 2.33
N ARG A 36 12.53 6.67 1.21
CA ARG A 36 13.65 7.61 1.10
C ARG A 36 13.16 8.86 0.38
N GLN A 37 13.93 9.94 0.44
CA GLN A 37 13.54 11.21 -0.21
C GLN A 37 13.43 11.08 -1.73
N ASN A 38 14.00 9.99 -2.21
CA ASN A 38 14.04 9.66 -3.63
C ASN A 38 13.60 8.24 -3.96
N TRP A 39 13.27 7.48 -2.92
CA TRP A 39 12.75 6.11 -3.06
C TRP A 39 11.33 5.90 -2.55
N VAL A 40 10.56 5.17 -3.35
CA VAL A 40 9.15 4.82 -3.09
C VAL A 40 8.86 3.31 -3.17
N MET A 41 8.23 2.80 -2.12
CA MET A 41 7.84 1.38 -2.02
C MET A 41 6.36 1.15 -2.34
N THR A 42 6.14 0.50 -3.47
CA THR A 42 4.78 0.14 -3.93
C THR A 42 4.69 -1.34 -4.32
N ALA A 43 3.52 -1.72 -4.80
CA ALA A 43 3.24 -3.08 -5.27
C ALA A 43 3.57 -3.24 -6.76
N ALA A 44 4.27 -4.32 -7.03
CA ALA A 44 4.72 -4.67 -8.38
C ALA A 44 3.57 -4.77 -9.38
N HIS A 45 2.41 -5.06 -8.81
CA HIS A 45 1.17 -5.27 -9.56
C HIS A 45 0.66 -3.98 -10.20
N CYS A 46 1.11 -2.92 -9.58
CA CYS A 46 0.76 -1.55 -9.98
C CYS A 46 1.55 -1.09 -11.20
N VAL A 47 2.78 -1.53 -11.25
CA VAL A 47 3.69 -1.09 -12.31
C VAL A 47 3.91 -2.13 -13.41
N ASP A 48 2.95 -3.04 -13.53
CA ASP A 48 2.98 -4.06 -14.60
C ASP A 48 2.96 -3.49 -16.01
N ARG A 49 2.03 -2.58 -16.24
CA ARG A 49 1.84 -1.97 -17.57
C ARG A 49 2.72 -0.74 -17.78
N GLU A 50 3.50 -0.82 -18.83
CA GLU A 50 4.41 0.26 -19.24
C GLU A 50 3.71 1.58 -19.55
N LEU A 51 3.39 2.27 -18.47
CA LEU A 51 2.79 3.61 -18.48
C LEU A 51 3.77 4.65 -17.96
N THR A 52 3.39 5.90 -18.05
CA THR A 52 4.20 7.00 -17.52
C THR A 52 3.71 7.41 -16.14
N PHE A 53 4.49 7.05 -15.13
CA PHE A 53 4.13 7.26 -13.73
C PHE A 53 4.73 8.52 -13.09
N ARG A 54 3.90 9.15 -12.27
CA ARG A 54 4.34 10.21 -11.36
C ARG A 54 3.82 9.97 -9.94
N VAL A 55 4.68 10.31 -9.00
CA VAL A 55 4.40 10.18 -7.57
C VAL A 55 4.15 11.53 -6.91
N VAL A 56 2.98 11.61 -6.28
CA VAL A 56 2.58 12.84 -5.60
C VAL A 56 2.57 12.69 -4.08
N VAL A 57 3.54 13.35 -3.46
CA VAL A 57 3.63 13.41 -2.01
C VAL A 57 2.93 14.67 -1.46
N GLY A 58 2.30 14.50 -0.32
CA GLY A 58 1.61 15.60 0.35
C GLY A 58 0.18 15.79 -0.16
N GLU A 59 -0.31 14.73 -0.77
CA GLU A 59 -1.69 14.71 -1.26
C GLU A 59 -2.74 14.52 -0.18
N HIS A 60 -3.90 15.09 -0.43
CA HIS A 60 -5.07 14.90 0.43
C HIS A 60 -6.35 14.74 -0.38
N ASN A 61 -6.56 15.70 -1.25
CA ASN A 61 -7.70 15.71 -2.18
C ASN A 61 -7.20 15.70 -3.62
N LEU A 62 -7.23 14.49 -4.17
CA LEU A 62 -6.83 14.21 -5.55
C LEU A 62 -7.29 15.26 -6.55
N ASN A 63 -8.53 15.67 -6.38
CA ASN A 63 -9.18 16.57 -7.34
C ASN A 63 -9.07 18.04 -6.96
N GLN A 64 -8.36 18.30 -5.87
CA GLN A 64 -8.30 19.67 -5.35
C GLN A 64 -6.93 20.06 -4.79
N ASN A 65 -6.49 21.24 -5.18
CA ASN A 65 -5.21 21.81 -4.72
C ASN A 65 -5.13 21.98 -3.22
N ASN A 66 -4.37 21.09 -2.62
CA ASN A 66 -4.20 21.09 -1.16
C ASN A 66 -3.13 22.08 -0.70
N GLY A 67 -2.37 22.55 -1.68
CA GLY A 67 -1.28 23.50 -1.45
C GLY A 67 -0.02 22.86 -0.88
N THR A 68 -0.11 21.56 -0.63
CA THR A 68 0.98 20.82 0.01
C THR A 68 1.60 19.74 -0.87
N GLU A 69 1.13 19.67 -2.10
CA GLU A 69 1.59 18.63 -3.04
C GLU A 69 2.94 18.90 -3.70
N GLN A 70 3.68 17.80 -3.81
CA GLN A 70 4.92 17.71 -4.59
C GLN A 70 4.82 16.63 -5.68
N TYR A 71 4.97 17.09 -6.92
CA TYR A 71 4.85 16.26 -8.11
C TYR A 71 6.22 15.85 -8.67
N VAL A 72 6.52 14.58 -8.55
CA VAL A 72 7.82 14.05 -9.02
C VAL A 72 7.66 12.82 -9.92
N GLY A 73 8.48 12.77 -10.96
CA GLY A 73 8.48 11.64 -11.91
C GLY A 73 9.33 10.46 -11.43
N VAL A 74 9.01 9.30 -11.98
CA VAL A 74 9.69 8.04 -11.67
C VAL A 74 10.78 7.72 -12.68
N GLN A 75 12.04 7.80 -12.26
CA GLN A 75 13.13 7.54 -13.20
C GLN A 75 13.48 6.06 -13.35
N LYS A 76 13.14 5.27 -12.35
CA LYS A 76 13.57 3.86 -12.32
C LYS A 76 12.67 2.94 -11.52
N ILE A 77 12.23 1.87 -12.17
CA ILE A 77 11.32 0.88 -11.59
C ILE A 77 11.97 -0.49 -11.38
N VAL A 78 12.09 -0.85 -10.11
CA VAL A 78 12.66 -2.15 -9.71
C VAL A 78 11.63 -3.09 -9.12
N VAL A 79 11.13 -3.99 -9.95
CA VAL A 79 10.18 -5.02 -9.53
C VAL A 79 10.91 -6.28 -9.08
N HIS A 80 10.49 -6.79 -7.93
CA HIS A 80 11.04 -8.03 -7.35
C HIS A 80 11.16 -9.15 -8.38
N PRO A 81 12.40 -9.55 -8.63
CA PRO A 81 12.79 -10.56 -9.63
C PRO A 81 11.93 -11.82 -9.72
N TYR A 82 11.17 -12.08 -8.66
CA TYR A 82 10.27 -13.25 -8.63
C TYR A 82 8.82 -12.91 -8.92
N TRP A 83 8.53 -11.63 -9.13
CA TRP A 83 7.16 -11.21 -9.47
C TRP A 83 6.68 -11.71 -10.83
N ASN A 84 5.66 -12.53 -10.70
CA ASN A 84 4.93 -13.17 -11.79
C ASN A 84 3.45 -12.79 -11.79
N THR A 85 3.18 -11.77 -12.60
CA THR A 85 1.87 -11.14 -12.80
C THR A 85 0.68 -12.11 -12.76
N ASP A 86 0.89 -13.27 -13.34
CA ASP A 86 -0.17 -14.28 -13.44
C ASP A 86 -0.36 -15.05 -12.14
N ASP A 87 0.57 -14.86 -11.23
CA ASP A 87 0.50 -15.58 -9.95
C ASP A 87 0.70 -14.65 -8.76
N VAL A 88 -0.25 -13.75 -8.57
CA VAL A 88 -0.19 -12.81 -7.45
C VAL A 88 -0.32 -13.53 -6.10
N ALA A 89 -0.76 -14.77 -6.23
CA ALA A 89 -0.98 -15.66 -5.09
C ALA A 89 0.33 -16.27 -4.62
N ALA A 90 1.33 -16.07 -5.48
CA ALA A 90 2.70 -16.53 -5.17
C ALA A 90 3.45 -15.53 -4.31
N GLY A 91 2.94 -14.30 -4.32
CA GLY A 91 3.52 -13.22 -3.51
C GLY A 91 4.41 -12.27 -4.34
N TYR A 92 5.51 -11.89 -3.70
CA TYR A 92 6.56 -11.00 -4.25
C TYR A 92 6.02 -9.73 -4.89
N ASP A 93 4.83 -9.33 -4.46
CA ASP A 93 4.14 -8.15 -4.97
C ASP A 93 4.64 -6.85 -4.35
N ILE A 94 5.90 -6.59 -4.63
CA ILE A 94 6.60 -5.39 -4.15
C ILE A 94 7.55 -4.80 -5.19
N ALA A 95 7.41 -3.50 -5.40
CA ALA A 95 8.29 -2.74 -6.30
C ALA A 95 8.83 -1.46 -5.66
N LEU A 96 10.05 -1.13 -6.06
CA LEU A 96 10.75 0.08 -5.63
C LEU A 96 10.96 1.07 -6.78
N LEU A 97 10.52 2.30 -6.55
CA LEU A 97 10.58 3.37 -7.56
C LEU A 97 11.56 4.47 -7.20
N ARG A 98 12.64 4.56 -7.96
CA ARG A 98 13.59 5.66 -7.80
C ARG A 98 13.12 6.92 -8.51
N LEU A 99 12.66 7.84 -7.68
CA LEU A 99 12.17 9.15 -8.10
C LEU A 99 13.25 9.97 -8.81
N ALA A 100 12.82 10.67 -9.85
CA ALA A 100 13.66 11.56 -10.67
C ALA A 100 14.41 12.60 -9.84
N GLN A 101 13.84 12.91 -8.68
CA GLN A 101 14.41 13.88 -7.75
C GLN A 101 13.92 13.64 -6.32
N SER A 102 14.64 14.21 -5.37
CA SER A 102 14.28 14.07 -3.95
C SER A 102 13.23 15.08 -3.49
N VAL A 103 12.32 14.57 -2.66
CA VAL A 103 11.23 15.37 -2.12
C VAL A 103 11.62 16.09 -0.83
N THR A 104 10.96 17.20 -0.61
CA THR A 104 11.22 18.02 0.59
C THR A 104 10.31 17.64 1.76
N LEU A 105 10.95 17.03 2.73
CA LEU A 105 10.28 16.55 3.94
C LEU A 105 9.78 17.69 4.84
N ASN A 106 8.49 17.61 5.08
CA ASN A 106 7.77 18.46 6.02
C ASN A 106 6.73 17.68 6.83
N SER A 107 5.78 18.41 7.37
CA SER A 107 4.75 17.80 8.22
C SER A 107 3.68 17.08 7.41
N TYR A 108 3.79 17.26 6.11
CA TYR A 108 2.88 16.61 5.16
C TYR A 108 3.60 15.50 4.39
N VAL A 109 4.93 15.58 4.40
CA VAL A 109 5.78 14.60 3.70
C VAL A 109 6.91 14.06 4.58
N GLN A 110 6.70 12.86 5.09
CA GLN A 110 7.73 12.16 5.88
C GLN A 110 8.12 10.80 5.32
N LEU A 111 9.11 10.20 5.95
CA LEU A 111 9.56 8.85 5.58
C LEU A 111 8.83 7.78 6.36
N GLY A 112 8.53 6.71 5.66
CA GLY A 112 7.83 5.55 6.21
C GLY A 112 8.75 4.63 7.00
N VAL A 113 8.43 4.53 8.27
CA VAL A 113 9.17 3.68 9.19
C VAL A 113 8.95 2.20 8.91
N LEU A 114 10.02 1.60 8.40
CA LEU A 114 10.04 0.16 8.10
C LEU A 114 10.33 -0.69 9.34
N PRO A 115 9.69 -1.85 9.39
CA PRO A 115 9.85 -2.83 10.47
C PRO A 115 11.17 -3.59 10.42
N ARG A 116 11.49 -4.20 11.56
CA ARG A 116 12.64 -5.08 11.69
C ARG A 116 12.42 -6.38 10.92
N ALA A 117 13.43 -6.71 10.14
CA ALA A 117 13.44 -7.95 9.35
C ALA A 117 12.99 -9.18 10.12
N GLY A 118 11.90 -9.74 9.63
CA GLY A 118 11.36 -11.01 10.12
C GLY A 118 10.27 -10.85 11.17
N THR A 119 9.87 -9.61 11.38
CA THR A 119 8.85 -9.27 12.38
C THR A 119 7.43 -9.68 12.02
N ILE A 120 6.93 -10.62 12.81
CA ILE A 120 5.55 -11.12 12.70
C ILE A 120 4.67 -10.55 13.82
N LEU A 121 3.59 -9.90 13.44
CA LEU A 121 2.63 -9.39 14.43
C LEU A 121 1.73 -10.50 14.98
N ALA A 122 1.17 -10.20 16.14
CA ALA A 122 0.22 -11.10 16.79
C ALA A 122 -1.18 -10.87 16.24
N ASN A 123 -2.00 -11.89 16.35
CA ASN A 123 -3.38 -11.80 15.88
C ASN A 123 -4.16 -10.69 16.60
N ASN A 124 -4.77 -9.87 15.77
CA ASN A 124 -5.59 -8.71 16.18
C ASN A 124 -4.81 -7.42 16.41
N SER A 125 -3.53 -7.45 16.05
CA SER A 125 -2.68 -6.25 16.12
C SER A 125 -3.27 -5.05 15.40
N PRO A 126 -3.32 -3.94 16.13
CA PRO A 126 -3.89 -2.65 15.70
C PRO A 126 -3.19 -2.01 14.50
N CYS A 127 -3.82 -2.18 13.35
CA CYS A 127 -3.33 -1.60 12.08
C CYS A 127 -4.40 -0.77 11.37
N TYR A 128 -3.94 0.16 10.55
CA TYR A 128 -4.77 1.03 9.71
C TYR A 128 -4.41 0.95 8.23
N ILE A 129 -5.42 0.91 7.38
CA ILE A 129 -5.19 0.97 5.93
C ILE A 129 -5.68 2.29 5.35
N THR A 130 -4.74 2.97 4.72
CA THR A 130 -5.02 4.25 4.08
C THR A 130 -4.90 4.19 2.56
N GLY A 131 -5.68 5.02 1.90
CA GLY A 131 -5.68 5.10 0.43
C GLY A 131 -6.91 5.79 -0.16
N TRP A 132 -6.80 6.06 -1.45
CA TRP A 132 -7.83 6.74 -2.24
C TRP A 132 -8.64 5.76 -3.10
N GLY A 133 -8.70 4.53 -2.62
CA GLY A 133 -9.40 3.46 -3.34
C GLY A 133 -10.93 3.52 -3.18
N LEU A 134 -11.56 2.65 -3.96
CA LEU A 134 -13.02 2.54 -4.04
C LEU A 134 -13.66 2.42 -2.66
N THR A 135 -14.58 3.32 -2.40
CA THR A 135 -15.31 3.32 -1.12
C THR A 135 -16.35 2.22 -1.05
N ARG A 136 -16.71 1.74 -2.23
CA ARG A 136 -17.66 0.63 -2.45
C ARG A 136 -17.12 -0.35 -3.51
N THR A 137 -17.54 -1.59 -3.39
CA THR A 137 -17.23 -2.59 -4.42
C THR A 137 -17.92 -2.21 -5.72
N ASN A 138 -17.07 -1.94 -6.72
CA ASN A 138 -17.44 -1.46 -8.06
C ASN A 138 -17.91 0.01 -8.02
N GLY A 139 -17.48 0.66 -6.96
CA GLY A 139 -17.76 2.08 -6.73
C GLY A 139 -16.72 3.00 -7.35
N GLN A 140 -16.52 4.14 -6.70
CA GLN A 140 -15.57 5.16 -7.16
C GLN A 140 -14.52 5.56 -6.13
N LEU A 141 -13.41 6.03 -6.67
CA LEU A 141 -12.26 6.50 -5.88
C LEU A 141 -12.65 7.63 -4.94
N ALA A 142 -12.05 7.59 -3.76
CA ALA A 142 -12.26 8.65 -2.77
C ALA A 142 -11.47 9.90 -3.12
N GLN A 143 -12.16 11.04 -3.06
CA GLN A 143 -11.49 12.32 -3.32
C GLN A 143 -10.41 12.61 -2.28
N THR A 144 -10.77 12.38 -1.03
CA THR A 144 -9.86 12.58 0.11
C THR A 144 -9.36 11.25 0.68
N LEU A 145 -8.22 11.35 1.34
CA LEU A 145 -7.51 10.20 1.91
C LEU A 145 -8.28 9.53 3.03
N GLN A 146 -8.78 8.34 2.69
CA GLN A 146 -9.53 7.50 3.63
C GLN A 146 -8.64 6.56 4.44
N GLN A 147 -9.03 6.39 5.70
CA GLN A 147 -8.40 5.45 6.63
C GLN A 147 -9.40 4.52 7.30
N ALA A 148 -8.97 3.28 7.52
CA ALA A 148 -9.80 2.25 8.16
C ALA A 148 -9.04 1.34 9.12
N TYR A 149 -9.70 1.06 10.24
CA TYR A 149 -9.17 0.19 11.29
C TYR A 149 -9.28 -1.28 10.87
N LEU A 150 -8.15 -1.74 10.36
CA LEU A 150 -7.98 -3.13 9.89
C LEU A 150 -7.00 -3.92 10.76
N PRO A 151 -7.46 -4.44 11.89
CA PRO A 151 -6.67 -5.38 12.72
C PRO A 151 -6.29 -6.66 12.00
N THR A 152 -5.20 -7.26 12.48
CA THR A 152 -4.59 -8.42 11.81
C THR A 152 -5.22 -9.77 12.12
N VAL A 153 -5.15 -10.59 11.09
CA VAL A 153 -5.50 -12.02 11.10
C VAL A 153 -4.26 -12.84 10.78
N ASP A 154 -3.74 -13.52 11.78
CA ASP A 154 -2.51 -14.32 11.58
C ASP A 154 -2.63 -15.38 10.49
N TYR A 155 -1.47 -15.94 10.20
CA TYR A 155 -1.30 -16.94 9.14
C TYR A 155 -2.14 -18.19 9.37
N ALA A 156 -2.18 -18.55 10.64
CA ALA A 156 -2.87 -19.76 11.12
C ALA A 156 -4.34 -19.76 10.76
N ILE A 157 -4.88 -18.58 10.95
CA ILE A 157 -6.31 -18.35 10.70
C ILE A 157 -6.60 -17.95 9.27
N CYS A 158 -5.65 -17.24 8.68
CA CYS A 158 -5.89 -16.70 7.33
C CYS A 158 -5.71 -17.77 6.25
N SER A 159 -5.06 -18.83 6.67
CA SER A 159 -4.82 -19.96 5.77
C SER A 159 -5.86 -21.05 5.98
N SER A 160 -6.89 -20.71 6.73
CA SER A 160 -8.01 -21.63 6.91
C SER A 160 -8.92 -21.61 5.70
N SER A 161 -9.34 -22.81 5.34
CA SER A 161 -10.27 -23.02 4.21
C SER A 161 -11.52 -22.16 4.33
N SER A 162 -11.81 -21.76 5.56
CA SER A 162 -12.93 -20.87 5.88
C SER A 162 -12.59 -19.42 5.53
N TYR A 163 -11.30 -19.20 5.39
CA TYR A 163 -10.73 -17.89 5.03
C TYR A 163 -10.18 -17.90 3.60
N TRP A 164 -8.87 -17.76 3.50
CA TRP A 164 -8.20 -17.71 2.19
C TRP A 164 -7.64 -19.04 1.68
N GLY A 165 -7.37 -19.93 2.61
CA GLY A 165 -6.79 -21.23 2.25
C GLY A 165 -5.30 -21.12 1.95
N SER A 166 -4.91 -21.73 0.85
CA SER A 166 -3.49 -21.76 0.48
C SER A 166 -3.09 -20.61 -0.43
N THR A 167 -4.07 -19.77 -0.73
CA THR A 167 -3.85 -18.60 -1.58
C THR A 167 -2.88 -17.61 -0.94
N VAL A 168 -2.88 -17.66 0.38
CA VAL A 168 -2.04 -16.79 1.20
C VAL A 168 -0.80 -17.50 1.73
N LYS A 169 0.32 -16.89 1.40
CA LYS A 169 1.67 -17.33 1.80
C LYS A 169 2.11 -16.62 3.07
N ASN A 170 3.00 -17.27 3.81
CA ASN A 170 3.54 -16.75 5.08
C ASN A 170 4.16 -15.37 4.96
N SER A 171 4.47 -15.05 3.71
CA SER A 171 5.04 -13.77 3.30
C SER A 171 3.99 -12.67 3.16
N MET A 172 2.78 -13.03 3.59
CA MET A 172 1.65 -12.10 3.55
C MET A 172 1.05 -11.81 4.92
N VAL A 173 0.42 -10.64 5.01
CA VAL A 173 -0.29 -10.20 6.21
C VAL A 173 -1.78 -10.02 5.90
N CYS A 174 -2.62 -10.58 6.74
CA CYS A 174 -4.07 -10.41 6.59
C CYS A 174 -4.64 -9.50 7.65
N ALA A 175 -5.43 -8.54 7.17
CA ALA A 175 -6.12 -7.58 8.04
C ALA A 175 -7.56 -7.31 7.65
N GLY A 176 -8.43 -7.37 8.65
CA GLY A 176 -9.87 -7.10 8.48
C GLY A 176 -10.69 -8.37 8.27
N GLY A 177 -11.62 -8.27 7.34
CA GLY A 177 -12.48 -9.41 6.97
C GLY A 177 -13.84 -9.38 7.67
N ASP A 178 -14.06 -8.29 8.38
CA ASP A 178 -15.32 -8.07 9.12
C ASP A 178 -16.53 -7.93 8.21
N GLY A 179 -16.23 -7.67 6.95
CA GLY A 179 -17.25 -7.52 5.92
C GLY A 179 -17.73 -6.07 5.77
N VAL A 180 -17.27 -5.25 6.70
CA VAL A 180 -17.64 -3.83 6.68
C VAL A 180 -16.50 -2.94 6.18
N ARG A 181 -15.33 -3.26 6.67
CA ARG A 181 -14.11 -2.51 6.36
C ARG A 181 -13.08 -3.33 5.59
N SER A 182 -12.47 -2.68 4.60
CA SER A 182 -11.42 -3.31 3.79
C SER A 182 -10.69 -2.32 2.89
N GLY A 183 -9.88 -2.94 2.06
CA GLY A 183 -9.17 -2.29 0.96
C GLY A 183 -9.86 -2.62 -0.36
N CYS A 184 -9.72 -1.73 -1.32
CA CYS A 184 -10.40 -1.88 -2.62
C CYS A 184 -9.54 -1.33 -3.76
N GLN A 185 -10.00 -1.61 -4.98
CA GLN A 185 -9.35 -1.10 -6.20
C GLN A 185 -8.90 0.35 -6.10
N GLY A 186 -7.59 0.49 -6.02
CA GLY A 186 -6.93 1.79 -5.95
C GLY A 186 -6.00 1.91 -4.75
N ASP A 187 -6.32 1.14 -3.72
CA ASP A 187 -5.52 1.14 -2.49
C ASP A 187 -4.17 0.45 -2.64
N SER A 188 -4.12 -0.43 -3.64
CA SER A 188 -2.93 -1.24 -3.96
C SER A 188 -1.59 -0.54 -3.79
N GLY A 189 -0.65 -1.28 -3.24
CA GLY A 189 0.72 -0.79 -3.08
C GLY A 189 0.88 0.09 -1.85
N GLY A 190 -0.27 0.56 -1.40
CA GLY A 190 -0.34 1.44 -0.22
C GLY A 190 -0.37 0.69 1.10
N PRO A 191 -0.23 1.48 2.14
CA PRO A 191 0.45 1.03 3.37
C PRO A 191 -0.50 0.64 4.51
N LEU A 192 -0.08 -0.43 5.16
CA LEU A 192 -0.76 -0.93 6.37
C LEU A 192 0.02 -0.57 7.62
N HIS A 193 -0.39 0.56 8.18
CA HIS A 193 0.23 1.15 9.37
C HIS A 193 -0.16 0.39 10.63
N CYS A 194 0.84 -0.20 11.26
CA CYS A 194 0.63 -0.95 12.50
C CYS A 194 1.35 -0.34 13.71
N LEU A 195 0.61 -0.27 14.81
CA LEU A 195 1.08 0.37 16.04
C LEU A 195 1.90 -0.58 16.92
N VAL A 196 3.20 -0.45 16.76
CA VAL A 196 4.19 -1.20 17.56
C VAL A 196 5.09 -0.25 18.35
N ASN A 197 5.27 -0.59 19.62
CA ASN A 197 6.08 0.17 20.59
C ASN A 197 5.81 1.67 20.58
N GLY A 198 4.54 1.96 20.37
CA GLY A 198 4.00 3.33 20.37
C GLY A 198 4.29 4.07 19.06
N GLN A 199 4.81 3.31 18.11
CA GLN A 199 5.19 3.87 16.80
C GLN A 199 4.52 3.15 15.63
N TYR A 200 3.99 3.94 14.71
CA TYR A 200 3.39 3.42 13.47
C TYR A 200 4.43 3.07 12.41
N ALA A 201 4.47 1.79 12.10
CA ALA A 201 5.35 1.25 11.05
C ALA A 201 4.57 0.58 9.92
N VAL A 202 5.10 0.71 8.72
CA VAL A 202 4.46 0.17 7.52
C VAL A 202 4.76 -1.32 7.33
N HIS A 203 3.91 -2.12 7.95
CA HIS A 203 4.04 -3.59 7.92
C HIS A 203 3.49 -4.25 6.66
N GLY A 204 2.62 -3.53 5.95
CA GLY A 204 1.96 -4.12 4.77
C GLY A 204 1.86 -3.24 3.54
N VAL A 205 1.92 -3.92 2.39
CA VAL A 205 1.76 -3.34 1.05
C VAL A 205 0.58 -3.98 0.31
N THR A 206 -0.55 -3.25 0.35
CA THR A 206 -1.83 -3.68 -0.24
C THR A 206 -1.70 -4.43 -1.56
N SER A 207 -1.94 -5.72 -1.47
CA SER A 207 -1.81 -6.58 -2.65
C SER A 207 -3.15 -6.88 -3.34
N PHE A 208 -3.97 -7.69 -2.69
CA PHE A 208 -5.26 -8.11 -3.28
C PHE A 208 -6.42 -8.29 -2.30
N VAL A 209 -7.60 -8.34 -2.91
CA VAL A 209 -8.88 -8.67 -2.26
C VAL A 209 -9.59 -9.81 -2.99
N SER A 210 -10.76 -10.17 -2.50
CA SER A 210 -11.56 -11.23 -3.12
C SER A 210 -12.26 -10.79 -4.39
N ARG A 211 -12.08 -11.62 -5.40
CA ARG A 211 -12.74 -11.46 -6.70
C ARG A 211 -14.25 -11.22 -6.56
N LEU A 212 -14.80 -11.73 -5.46
CA LEU A 212 -16.22 -11.58 -5.14
C LEU A 212 -16.56 -10.15 -4.72
N GLY A 213 -15.51 -9.42 -4.40
CA GLY A 213 -15.66 -8.05 -3.91
C GLY A 213 -14.62 -7.68 -2.85
N CYS A 214 -14.69 -6.43 -2.44
CA CYS A 214 -13.72 -5.85 -1.51
C CYS A 214 -13.96 -6.19 -0.05
N ASN A 215 -15.15 -5.86 0.42
CA ASN A 215 -15.51 -6.09 1.82
C ASN A 215 -16.33 -7.37 2.03
N VAL A 216 -15.60 -8.46 1.97
CA VAL A 216 -16.19 -9.80 2.13
C VAL A 216 -15.77 -10.50 3.43
N THR A 217 -16.79 -10.78 4.23
CA THR A 217 -16.66 -11.50 5.50
C THR A 217 -15.83 -12.78 5.35
N ARG A 218 -14.72 -12.77 6.06
CA ARG A 218 -13.69 -13.82 6.07
C ARG A 218 -12.78 -13.83 4.85
N LYS A 219 -12.88 -12.74 4.11
CA LYS A 219 -11.91 -12.50 3.04
C LYS A 219 -11.11 -11.22 3.26
N PRO A 220 -10.18 -11.22 4.22
CA PRO A 220 -9.43 -10.02 4.63
C PRO A 220 -8.44 -9.54 3.57
N THR A 221 -8.20 -8.24 3.62
CA THR A 221 -7.26 -7.60 2.70
C THR A 221 -5.85 -8.15 2.91
N VAL A 222 -5.33 -8.69 1.82
CA VAL A 222 -3.99 -9.30 1.85
C VAL A 222 -2.88 -8.36 1.41
N PHE A 223 -1.96 -8.18 2.36
CA PHE A 223 -0.79 -7.30 2.25
C PHE A 223 0.50 -8.08 2.06
N THR A 224 1.48 -7.44 1.43
CA THR A 224 2.82 -7.98 1.25
C THR A 224 3.68 -7.64 2.46
N ARG A 225 3.97 -8.68 3.24
CA ARG A 225 4.69 -8.56 4.52
C ARG A 225 6.10 -7.96 4.38
N VAL A 226 6.12 -6.64 4.41
CA VAL A 226 7.35 -5.81 4.29
C VAL A 226 8.58 -6.33 5.04
N SER A 227 8.32 -6.97 6.17
CA SER A 227 9.39 -7.45 7.06
C SER A 227 10.14 -8.64 6.49
N ALA A 228 9.56 -9.21 5.45
CA ALA A 228 10.17 -10.37 4.78
C ALA A 228 11.17 -9.94 3.71
N TYR A 229 11.00 -8.71 3.29
CA TYR A 229 11.77 -8.19 2.14
C TYR A 229 12.83 -7.16 2.50
N ILE A 230 12.90 -6.83 3.79
CA ILE A 230 13.83 -5.82 4.32
C ILE A 230 15.24 -5.87 3.73
N SER A 231 15.71 -7.10 3.60
CA SER A 231 17.05 -7.41 3.04
C SER A 231 17.20 -6.95 1.60
N TRP A 232 16.16 -7.27 0.86
CA TRP A 232 16.06 -6.97 -0.57
C TRP A 232 15.96 -5.47 -0.82
N ILE A 233 15.18 -4.86 0.06
CA ILE A 233 14.89 -3.41 -0.02
C ILE A 233 16.15 -2.58 0.18
N ASN A 234 16.99 -3.15 1.03
CA ASN A 234 18.26 -2.51 1.38
C ASN A 234 19.33 -2.71 0.30
N ASN A 235 19.29 -3.91 -0.26
CA ASN A 235 20.25 -4.30 -1.31
C ASN A 235 20.06 -3.51 -2.60
N VAL A 236 18.79 -3.27 -2.86
CA VAL A 236 18.37 -2.55 -4.08
C VAL A 236 18.70 -1.06 -4.02
N ILE A 237 18.49 -0.55 -2.82
CA ILE A 237 18.68 0.89 -2.57
C ILE A 237 20.14 1.27 -2.46
N ALA A 238 20.92 0.26 -2.09
CA ALA A 238 22.36 0.46 -1.89
C ALA A 238 23.16 0.23 -3.16
N SER A 239 22.56 -0.52 -4.07
CA SER A 239 23.21 -0.81 -5.34
C SER A 239 22.73 0.17 -6.41
N ASN A 240 21.90 1.08 -5.91
CA ASN A 240 21.33 2.17 -6.73
C ASN A 240 21.57 3.56 -6.17
#